data_7CCW
#
_entry.id   7CCW
#
_cell.length_a   46.762
_cell.length_b   62.293
_cell.length_c   88.343
_cell.angle_alpha   90.00
_cell.angle_beta   90.00
_cell.angle_gamma   90.00
#
_symmetry.space_group_name_H-M   'P 21 21 21'
#
loop_
_entity.id
_entity.type
_entity.pdbx_description
1 polymer 'Death-associated protein kinase 1'
2 non-polymer RESVERATROL
3 non-polymer '2-(N-MORPHOLINO)-ETHANESULFONIC ACID'
4 non-polymer 'SULFATE ION'
5 water water
#
_entity_poly.entity_id   1
_entity_poly.type   'polypeptide(L)'
_entity_poly.pdbx_seq_one_letter_code
;MTVFRQENVDDYYDTGEELGSGQFAVVKKCREKSTGLQYAAKFIKKRRTKSSRRGVSREDIEREVSILKEIQHPNVITLH
EVYENKTDVILILELVAGGELFDFLAEKESLTEEEATEFLKQILNGVYYLHSLQIAHFDLKPENIMLLDRNVPKPRIKII
DFGLAHKIDFGNEFKNIFGTPEFVAPEIVNYEPLGLEADMWSIGVITYILLSGASPFLGDTKQETLANVSAVNYEFEDEY
FSNTSALAKDFIRRLLVKDPKKRMTIQDSLQHPWIKPKDTQQALSLEHHHHHH
;
_entity_poly.pdbx_strand_id   A
#
loop_
_chem_comp.id
_chem_comp.type
_chem_comp.name
_chem_comp.formula
MES non-polymer '2-(N-MORPHOLINO)-ETHANESULFONIC ACID' 'C6 H13 N O4 S'
SO4 non-polymer 'SULFATE ION' 'O4 S -2'
STL non-polymer RESVERATROL 'C14 H12 O3'
#
# COMPACT_ATOMS: atom_id res chain seq x y z
N THR A 2 -6.51 -21.52 -10.51
CA THR A 2 -7.60 -20.83 -11.18
C THR A 2 -7.09 -20.24 -12.49
N VAL A 3 -7.81 -20.44 -13.57
CA VAL A 3 -7.39 -19.95 -14.87
C VAL A 3 -8.11 -18.65 -15.18
N PHE A 4 -7.54 -17.86 -16.09
CA PHE A 4 -8.03 -16.54 -16.43
C PHE A 4 -8.36 -16.48 -17.93
N ARG A 5 -8.93 -15.36 -18.36
CA ARG A 5 -9.34 -15.22 -19.76
C ARG A 5 -8.14 -15.25 -20.69
N GLN A 6 -8.17 -16.14 -21.68
CA GLN A 6 -7.01 -16.36 -22.54
C GLN A 6 -7.19 -15.81 -23.95
N GLU A 7 -8.30 -15.11 -24.21
CA GLU A 7 -8.34 -14.29 -25.41
C GLU A 7 -7.30 -13.18 -25.33
N ASN A 8 -6.85 -12.70 -26.48
CA ASN A 8 -5.86 -11.65 -26.52
C ASN A 8 -6.48 -10.39 -25.94
N VAL A 9 -5.80 -9.81 -24.93
CA VAL A 9 -6.35 -8.61 -24.31
C VAL A 9 -6.50 -7.48 -25.32
N ASP A 10 -5.65 -7.47 -26.36
CA ASP A 10 -5.72 -6.44 -27.39
C ASP A 10 -7.00 -6.55 -28.22
N ASP A 11 -7.70 -7.69 -28.18
CA ASP A 11 -8.98 -7.77 -28.87
C ASP A 11 -10.06 -6.97 -28.16
N TYR A 12 -9.85 -6.65 -26.88
CA TYR A 12 -10.87 -6.02 -26.06
C TYR A 12 -10.46 -4.67 -25.49
N TYR A 13 -9.18 -4.35 -25.46
CA TYR A 13 -8.67 -3.12 -24.89
C TYR A 13 -7.62 -2.51 -25.80
N ASP A 14 -7.52 -1.18 -25.75
CA ASP A 14 -6.40 -0.45 -26.34
C ASP A 14 -5.61 0.19 -25.22
N THR A 15 -4.29 0.07 -25.27
CA THR A 15 -3.42 0.63 -24.24
C THR A 15 -2.90 1.99 -24.66
N GLY A 16 -2.51 2.78 -23.67
CA GLY A 16 -1.97 4.12 -23.89
C GLY A 16 -0.77 4.40 -23.01
N GLU A 17 -0.83 5.49 -22.26
CA GLU A 17 0.30 5.94 -21.44
C GLU A 17 0.69 4.88 -20.43
N GLU A 18 1.99 4.72 -20.22
CA GLU A 18 2.48 3.85 -19.15
C GLU A 18 2.40 4.59 -17.81
N LEU A 19 1.86 3.93 -16.79
CA LEU A 19 1.70 4.54 -15.48
C LEU A 19 2.87 4.26 -14.55
N GLY A 20 3.56 3.15 -14.75
CA GLY A 20 4.72 2.85 -13.93
C GLY A 20 5.17 1.45 -14.21
N SER A 21 6.37 1.13 -13.73
CA SER A 21 6.84 -0.23 -13.83
C SER A 21 7.73 -0.56 -12.63
N GLY A 22 7.83 -1.86 -12.36
CA GLY A 22 8.61 -2.33 -11.25
C GLY A 22 9.39 -3.57 -11.64
N GLN A 23 9.74 -4.39 -10.65
CA GLN A 23 10.65 -5.49 -10.92
C GLN A 23 10.00 -6.55 -11.81
N PHE A 24 8.72 -6.82 -11.60
CA PHE A 24 8.06 -7.93 -12.29
C PHE A 24 6.81 -7.51 -13.07
N ALA A 25 6.53 -6.22 -13.18
CA ALA A 25 5.25 -5.79 -13.75
C ALA A 25 5.39 -4.41 -14.37
N VAL A 26 4.50 -4.13 -15.30
CA VAL A 26 4.35 -2.80 -15.89
C VAL A 26 2.86 -2.50 -15.97
N VAL A 27 2.50 -1.24 -15.73
CA VAL A 27 1.10 -0.82 -15.71
C VAL A 27 0.88 0.20 -16.81
N LYS A 28 -0.13 -0.04 -17.65
CA LYS A 28 -0.44 0.85 -18.77
C LYS A 28 -1.90 1.27 -18.68
N LYS A 29 -2.17 2.56 -18.84
CA LYS A 29 -3.54 2.99 -19.04
C LYS A 29 -4.15 2.23 -20.21
N CYS A 30 -5.45 1.96 -20.13
CA CYS A 30 -6.09 1.29 -21.24
C CYS A 30 -7.55 1.71 -21.30
N ARG A 31 -8.20 1.33 -22.40
CA ARG A 31 -9.58 1.68 -22.66
C ARG A 31 -10.28 0.45 -23.20
N GLU A 32 -11.41 0.09 -22.60
CA GLU A 32 -12.18 -1.06 -23.04
C GLU A 32 -12.99 -0.68 -24.29
N LYS A 33 -12.85 -1.49 -25.34
CA LYS A 33 -13.48 -1.14 -26.62
C LYS A 33 -15.00 -1.14 -26.52
N SER A 34 -15.58 -2.06 -25.75
CA SER A 34 -17.02 -2.21 -25.74
C SER A 34 -17.75 -1.12 -24.95
N THR A 35 -17.05 -0.41 -24.07
CA THR A 35 -17.68 0.58 -23.21
C THR A 35 -17.05 1.96 -23.29
N GLY A 36 -15.87 2.09 -23.87
CA GLY A 36 -15.11 3.32 -23.78
C GLY A 36 -14.56 3.64 -22.40
N LEU A 37 -14.78 2.78 -21.42
CA LEU A 37 -14.32 3.06 -20.07
C LEU A 37 -12.84 2.75 -19.92
N GLN A 38 -12.19 3.49 -19.04
CA GLN A 38 -10.74 3.45 -18.90
C GLN A 38 -10.34 2.74 -17.63
N TYR A 39 -9.22 2.03 -17.72
CA TYR A 39 -8.68 1.17 -16.68
C TYR A 39 -7.17 1.27 -16.68
N ALA A 40 -6.53 0.56 -15.75
CA ALA A 40 -5.09 0.42 -15.70
C ALA A 40 -4.77 -1.05 -15.82
N ALA A 41 -4.03 -1.42 -16.88
CA ALA A 41 -3.69 -2.82 -17.12
C ALA A 41 -2.32 -3.11 -16.54
N LYS A 42 -2.27 -3.99 -15.53
CA LYS A 42 -1.03 -4.41 -14.88
C LYS A 42 -0.61 -5.75 -15.48
N PHE A 43 0.49 -5.73 -16.22
CA PHE A 43 1.05 -6.92 -16.85
C PHE A 43 2.08 -7.51 -15.90
N ILE A 44 1.80 -8.69 -15.35
CA ILE A 44 2.68 -9.35 -14.39
C ILE A 44 3.40 -10.49 -15.11
N LYS A 45 4.73 -10.48 -15.09
CA LYS A 45 5.48 -11.51 -15.79
C LYS A 45 5.43 -12.84 -15.03
N LYS A 46 5.06 -13.90 -15.74
CA LYS A 46 4.98 -15.22 -15.14
C LYS A 46 6.36 -15.85 -15.01
N ARG A 47 6.49 -16.72 -14.01
CA ARG A 47 7.66 -17.60 -13.91
C ARG A 47 7.64 -18.60 -15.06
N ARG A 48 8.81 -18.82 -15.66
CA ARG A 48 8.91 -19.72 -16.80
C ARG A 48 9.36 -21.12 -16.45
N THR A 49 9.90 -21.34 -15.26
CA THR A 49 10.19 -22.67 -14.74
C THR A 49 9.87 -22.68 -13.25
N LYS A 50 9.79 -23.89 -12.69
CA LYS A 50 9.40 -24.05 -11.30
C LYS A 50 10.44 -23.45 -10.35
N SER A 51 11.73 -23.58 -10.68
CA SER A 51 12.81 -23.18 -9.79
C SER A 51 13.39 -21.81 -10.15
N SER A 52 12.78 -21.08 -11.05
CA SER A 52 13.33 -19.80 -11.46
C SER A 52 13.07 -18.74 -10.40
N ARG A 53 13.90 -17.71 -10.42
CA ARG A 53 13.74 -16.54 -9.57
C ARG A 53 13.17 -15.34 -10.30
N ARG A 54 13.17 -15.36 -11.64
CA ARG A 54 12.55 -14.30 -12.41
C ARG A 54 11.06 -14.55 -12.53
N GLY A 55 10.30 -13.48 -12.75
CA GLY A 55 8.86 -13.58 -12.83
C GLY A 55 8.25 -13.87 -11.48
N VAL A 56 6.92 -13.97 -11.48
CA VAL A 56 6.13 -14.15 -10.28
C VAL A 56 5.47 -15.53 -10.31
N SER A 57 5.58 -16.26 -9.20
CA SER A 57 5.02 -17.60 -9.13
C SER A 57 3.50 -17.56 -9.28
N ARG A 58 2.96 -18.65 -9.85
CA ARG A 58 1.51 -18.73 -10.01
C ARG A 58 0.80 -18.57 -8.67
N GLU A 59 1.35 -19.17 -7.62
CA GLU A 59 0.74 -19.04 -6.30
C GLU A 59 0.64 -17.58 -5.89
N ASP A 60 1.72 -16.82 -6.11
CA ASP A 60 1.72 -15.41 -5.71
C ASP A 60 0.76 -14.59 -6.57
N ILE A 61 0.69 -14.88 -7.87
CA ILE A 61 -0.27 -14.16 -8.73
C ILE A 61 -1.69 -14.47 -8.29
N GLU A 62 -1.99 -15.75 -8.07
CA GLU A 62 -3.34 -16.14 -7.70
C GLU A 62 -3.75 -15.53 -6.36
N ARG A 63 -2.81 -15.38 -5.42
CA ARG A 63 -3.14 -14.74 -4.15
C ARG A 63 -3.54 -13.28 -4.37
N GLU A 64 -2.74 -12.54 -5.15
CA GLU A 64 -3.05 -11.14 -5.42
C GLU A 64 -4.42 -11.01 -6.08
N VAL A 65 -4.71 -11.85 -7.07
CA VAL A 65 -6.00 -11.82 -7.75
C VAL A 65 -7.15 -12.15 -6.80
N SER A 66 -6.97 -13.20 -5.99
CA SER A 66 -8.04 -13.62 -5.08
CA SER A 66 -8.04 -13.62 -5.08
C SER A 66 -8.39 -12.52 -4.08
N ILE A 67 -7.38 -11.85 -3.54
CA ILE A 67 -7.64 -10.76 -2.61
C ILE A 67 -8.31 -9.59 -3.31
N LEU A 68 -7.80 -9.22 -4.48
CA LEU A 68 -8.40 -8.11 -5.21
C LEU A 68 -9.86 -8.37 -5.55
N LYS A 69 -10.20 -9.62 -5.89
CA LYS A 69 -11.59 -9.93 -6.24
C LYS A 69 -12.55 -9.66 -5.08
N GLU A 70 -12.07 -9.67 -3.83
CA GLU A 70 -12.94 -9.44 -2.67
C GLU A 70 -13.26 -7.97 -2.44
N ILE A 71 -12.53 -7.05 -3.05
CA ILE A 71 -12.49 -5.67 -2.59
CA ILE A 71 -12.46 -5.66 -2.62
C ILE A 71 -13.50 -4.81 -3.33
N GLN A 72 -14.32 -4.09 -2.56
CA GLN A 72 -15.12 -3.00 -3.12
C GLN A 72 -15.29 -1.95 -2.03
N HIS A 73 -14.53 -0.86 -2.14
CA HIS A 73 -14.57 0.18 -1.12
C HIS A 73 -14.01 1.45 -1.75
N PRO A 74 -14.52 2.64 -1.40
CA PRO A 74 -14.07 3.87 -2.07
C PRO A 74 -12.59 4.16 -1.92
N ASN A 75 -11.92 3.61 -0.91
CA ASN A 75 -10.52 3.94 -0.68
C ASN A 75 -9.57 2.83 -1.03
N VAL A 76 -10.01 1.82 -1.78
CA VAL A 76 -9.17 0.72 -2.21
CA VAL A 76 -9.13 0.76 -2.22
C VAL A 76 -9.42 0.47 -3.68
N ILE A 77 -8.36 0.19 -4.43
CA ILE A 77 -8.49 -0.09 -5.85
CA ILE A 77 -8.50 -0.08 -5.85
C ILE A 77 -9.34 -1.34 -6.06
N THR A 78 -10.07 -1.36 -7.16
CA THR A 78 -10.84 -2.55 -7.48
C THR A 78 -10.31 -3.20 -8.75
N LEU A 79 -10.74 -4.44 -8.95
CA LEU A 79 -10.32 -5.26 -10.07
C LEU A 79 -11.49 -5.46 -11.00
N HIS A 80 -11.28 -5.21 -12.29
CA HIS A 80 -12.32 -5.32 -13.29
C HIS A 80 -12.33 -6.67 -14.01
N GLU A 81 -11.17 -7.13 -14.49
CA GLU A 81 -11.07 -8.39 -15.23
C GLU A 81 -9.64 -8.89 -15.10
N VAL A 82 -9.43 -10.17 -15.41
CA VAL A 82 -8.09 -10.76 -15.46
C VAL A 82 -7.95 -11.56 -16.75
N TYR A 83 -6.87 -11.30 -17.48
CA TYR A 83 -6.49 -12.05 -18.67
C TYR A 83 -5.16 -12.73 -18.42
N GLU A 84 -4.82 -13.71 -19.27
CA GLU A 84 -3.50 -14.29 -19.18
C GLU A 84 -3.10 -14.86 -20.53
N ASN A 85 -1.78 -14.92 -20.74
CA ASN A 85 -1.20 -15.65 -21.86
C ASN A 85 0.04 -16.36 -21.33
N LYS A 86 0.84 -16.93 -22.23
CA LYS A 86 1.97 -17.73 -21.77
C LYS A 86 2.99 -16.89 -20.99
N THR A 87 3.07 -15.59 -21.27
CA THR A 87 4.08 -14.70 -20.69
CA THR A 87 4.09 -14.77 -20.64
C THR A 87 3.60 -13.95 -19.46
N ASP A 88 2.35 -13.49 -19.46
CA ASP A 88 1.88 -12.55 -18.45
C ASP A 88 0.52 -12.97 -17.92
N VAL A 89 0.24 -12.54 -16.69
CA VAL A 89 -1.13 -12.33 -16.22
C VAL A 89 -1.38 -10.83 -16.27
N ILE A 90 -2.54 -10.45 -16.78
CA ILE A 90 -2.89 -9.05 -17.01
C ILE A 90 -4.11 -8.71 -16.16
N LEU A 91 -3.90 -7.87 -15.14
CA LEU A 91 -4.99 -7.42 -14.28
C LEU A 91 -5.54 -6.13 -14.87
N ILE A 92 -6.83 -6.11 -15.17
CA ILE A 92 -7.49 -4.88 -15.59
C ILE A 92 -8.03 -4.24 -14.32
N LEU A 93 -7.31 -3.23 -13.83
CA LEU A 93 -7.59 -2.56 -12.56
C LEU A 93 -8.33 -1.25 -12.78
N GLU A 94 -9.04 -0.81 -11.75
CA GLU A 94 -9.60 0.54 -11.76
C GLU A 94 -8.49 1.56 -12.03
N LEU A 95 -8.81 2.58 -12.82
CA LEU A 95 -7.89 3.68 -13.11
C LEU A 95 -8.05 4.78 -12.09
N VAL A 96 -6.96 5.12 -11.41
CA VAL A 96 -6.87 6.23 -10.48
C VAL A 96 -5.74 7.09 -11.03
N ALA A 97 -6.08 8.28 -11.55
CA ALA A 97 -5.20 8.97 -12.48
C ALA A 97 -4.50 10.21 -11.91
N GLY A 98 -4.67 10.52 -10.63
CA GLY A 98 -4.09 11.71 -10.04
C GLY A 98 -2.67 11.54 -9.52
N GLY A 99 -2.05 10.40 -9.76
CA GLY A 99 -0.67 10.18 -9.38
C GLY A 99 -0.50 9.71 -7.95
N GLU A 100 0.75 9.34 -7.64
CA GLU A 100 1.09 8.81 -6.33
C GLU A 100 1.08 9.91 -5.27
N LEU A 101 0.66 9.54 -4.07
CA LEU A 101 0.86 10.42 -2.93
C LEU A 101 2.33 10.78 -2.78
N PHE A 102 3.23 9.85 -3.14
CA PHE A 102 4.67 10.12 -3.13
C PHE A 102 5.00 11.36 -3.94
N ASP A 103 4.46 11.46 -5.16
CA ASP A 103 4.78 12.61 -6.01
C ASP A 103 4.08 13.87 -5.54
N PHE A 104 2.86 13.75 -5.02
CA PHE A 104 2.16 14.90 -4.44
C PHE A 104 2.97 15.48 -3.27
N LEU A 105 3.55 14.61 -2.45
CA LEU A 105 4.33 15.07 -1.30
C LEU A 105 5.62 15.75 -1.74
N ALA A 106 6.23 15.25 -2.82
CA ALA A 106 7.46 15.86 -3.32
C ALA A 106 7.24 17.32 -3.70
N GLU A 107 6.00 17.70 -4.02
CA GLU A 107 5.70 19.08 -4.36
C GLU A 107 5.50 19.95 -3.10
N LYS A 108 4.60 19.53 -2.21
CA LYS A 108 4.31 20.32 -1.02
C LYS A 108 5.45 20.26 -0.02
N GLU A 109 6.24 19.17 -0.05
CA GLU A 109 7.43 18.93 0.76
C GLU A 109 7.09 18.65 2.23
N SER A 110 5.87 18.99 2.64
CA SER A 110 5.40 18.76 4.00
C SER A 110 3.93 19.16 4.06
N LEU A 111 3.10 18.43 4.80
CA LEU A 111 1.68 18.76 4.91
C LEU A 111 1.38 19.40 6.26
N THR A 112 0.38 20.29 6.28
CA THR A 112 -0.18 20.69 7.56
C THR A 112 -0.87 19.49 8.23
N GLU A 113 -1.17 19.62 9.52
CA GLU A 113 -1.87 18.53 10.18
C GLU A 113 -3.24 18.32 9.58
N GLU A 114 -3.91 19.39 9.14
CA GLU A 114 -5.21 19.23 8.49
C GLU A 114 -5.06 18.47 7.19
N GLU A 115 -4.09 18.86 6.35
CA GLU A 115 -3.88 18.16 5.09
C GLU A 115 -3.49 16.70 5.34
N ALA A 116 -2.62 16.46 6.32
CA ALA A 116 -2.20 15.10 6.62
C ALA A 116 -3.36 14.26 7.12
N THR A 117 -4.18 14.81 8.03
CA THR A 117 -5.31 14.03 8.53
C THR A 117 -6.37 13.81 7.48
N GLU A 118 -6.51 14.73 6.52
CA GLU A 118 -7.47 14.50 5.43
CA GLU A 118 -7.46 14.51 5.42
C GLU A 118 -7.05 13.29 4.60
N PHE A 119 -5.75 13.15 4.33
CA PHE A 119 -5.27 11.94 3.66
C PHE A 119 -5.37 10.75 4.58
N LEU A 120 -4.90 10.90 5.83
CA LEU A 120 -4.81 9.75 6.72
CA LEU A 120 -4.81 9.77 6.75
C LEU A 120 -6.18 9.18 7.03
N LYS A 121 -7.21 10.02 7.18
CA LYS A 121 -8.54 9.48 7.46
C LYS A 121 -8.99 8.54 6.36
N GLN A 122 -8.66 8.86 5.11
CA GLN A 122 -9.03 7.99 3.99
C GLN A 122 -8.20 6.72 3.99
N ILE A 123 -6.90 6.85 4.25
CA ILE A 123 -6.05 5.66 4.34
C ILE A 123 -6.54 4.76 5.46
N LEU A 124 -6.83 5.34 6.63
CA LEU A 124 -7.37 4.55 7.74
C LEU A 124 -8.69 3.89 7.40
N ASN A 125 -9.57 4.59 6.68
CA ASN A 125 -10.84 4.00 6.28
C ASN A 125 -10.61 2.82 5.36
N GLY A 126 -9.68 2.94 4.40
CA GLY A 126 -9.38 1.82 3.54
C GLY A 126 -8.77 0.65 4.29
N VAL A 127 -7.83 0.93 5.19
CA VAL A 127 -7.21 -0.15 5.94
C VAL A 127 -8.20 -0.78 6.90
N TYR A 128 -9.12 0.03 7.47
CA TYR A 128 -10.17 -0.55 8.30
C TYR A 128 -10.99 -1.56 7.52
N TYR A 129 -11.36 -1.24 6.28
CA TYR A 129 -12.08 -2.19 5.43
C TYR A 129 -11.25 -3.46 5.23
N LEU A 130 -9.97 -3.31 4.86
CA LEU A 130 -9.11 -4.48 4.62
C LEU A 130 -8.96 -5.32 5.88
N HIS A 131 -8.62 -4.69 6.99
CA HIS A 131 -8.41 -5.43 8.24
C HIS A 131 -9.69 -6.09 8.72
N SER A 132 -10.84 -5.46 8.48
CA SER A 132 -12.12 -6.11 8.79
C SER A 132 -12.27 -7.40 8.03
N LEU A 133 -11.70 -7.50 6.83
CA LEU A 133 -11.72 -8.72 6.04
C LEU A 133 -10.50 -9.59 6.30
N GLN A 134 -9.73 -9.30 7.36
CA GLN A 134 -8.52 -10.04 7.70
C GLN A 134 -7.49 -10.01 6.57
N ILE A 135 -7.44 -8.92 5.83
CA ILE A 135 -6.43 -8.74 4.78
C ILE A 135 -5.35 -7.81 5.29
N ALA A 136 -4.13 -8.32 5.39
CA ALA A 136 -2.96 -7.49 5.64
C ALA A 136 -2.39 -7.06 4.28
N HIS A 137 -2.11 -5.76 4.15
CA HIS A 137 -1.60 -5.25 2.89
C HIS A 137 -0.11 -5.53 2.73
N PHE A 138 0.67 -5.22 3.76
CA PHE A 138 2.09 -5.50 3.88
C PHE A 138 2.98 -4.64 2.99
N ASP A 139 2.42 -3.71 2.23
CA ASP A 139 3.26 -2.82 1.40
C ASP A 139 2.73 -1.40 1.40
N LEU A 140 2.24 -0.90 2.53
CA LEU A 140 1.74 0.46 2.59
C LEU A 140 2.90 1.46 2.59
N LYS A 141 2.80 2.46 1.72
CA LYS A 141 3.79 3.51 1.58
C LYS A 141 3.21 4.54 0.61
N PRO A 142 3.78 5.76 0.57
CA PRO A 142 3.17 6.81 -0.27
C PRO A 142 3.07 6.46 -1.75
N GLU A 143 4.00 5.66 -2.27
CA GLU A 143 3.94 5.24 -3.67
C GLU A 143 2.75 4.35 -3.98
N ASN A 144 2.18 3.70 -2.97
CA ASN A 144 1.03 2.81 -3.15
C ASN A 144 -0.28 3.45 -2.70
N ILE A 145 -0.31 4.77 -2.60
CA ILE A 145 -1.54 5.53 -2.36
C ILE A 145 -1.71 6.43 -3.58
N MET A 146 -2.79 6.24 -4.32
CA MET A 146 -3.03 7.00 -5.55
C MET A 146 -4.14 8.02 -5.33
N LEU A 147 -3.95 9.21 -5.91
CA LEU A 147 -4.97 10.25 -5.82
C LEU A 147 -5.90 10.16 -7.02
N LEU A 148 -7.18 10.40 -6.78
CA LEU A 148 -8.13 10.43 -7.90
C LEU A 148 -7.93 11.69 -8.74
N ASP A 149 -7.74 12.83 -8.10
CA ASP A 149 -7.53 14.10 -8.78
C ASP A 149 -6.66 14.94 -7.87
N ARG A 150 -5.45 15.27 -8.34
CA ARG A 150 -4.52 16.00 -7.48
C ARG A 150 -4.74 17.50 -7.51
N ASN A 151 -5.67 17.99 -8.32
CA ASN A 151 -5.91 19.43 -8.48
C ASN A 151 -7.16 19.88 -7.73
N VAL A 152 -7.42 19.31 -6.56
CA VAL A 152 -8.48 19.76 -5.67
C VAL A 152 -7.86 20.00 -4.30
N PRO A 153 -8.51 20.80 -3.44
CA PRO A 153 -7.88 21.11 -2.15
C PRO A 153 -7.71 19.90 -1.24
N LYS A 154 -8.63 18.92 -1.29
CA LYS A 154 -8.59 17.74 -0.44
C LYS A 154 -8.65 16.51 -1.33
N PRO A 155 -7.52 16.10 -1.91
CA PRO A 155 -7.56 14.97 -2.86
C PRO A 155 -8.07 13.68 -2.21
N ARG A 156 -8.91 12.97 -2.96
CA ARG A 156 -9.36 11.65 -2.57
C ARG A 156 -8.34 10.61 -2.99
N ILE A 157 -8.23 9.54 -2.20
CA ILE A 157 -7.21 8.53 -2.45
C ILE A 157 -7.77 7.12 -2.50
N LYS A 158 -6.98 6.24 -3.12
CA LYS A 158 -7.23 4.81 -3.10
CA LYS A 158 -7.22 4.80 -3.10
C LYS A 158 -5.91 4.08 -2.84
N ILE A 159 -5.97 3.06 -1.99
CA ILE A 159 -4.83 2.18 -1.73
C ILE A 159 -4.69 1.21 -2.90
N ILE A 160 -3.46 1.06 -3.41
CA ILE A 160 -3.18 0.13 -4.49
C ILE A 160 -2.12 -0.89 -4.07
N ASP A 161 -1.79 -1.80 -5.00
CA ASP A 161 -0.67 -2.74 -4.85
C ASP A 161 -0.88 -3.84 -3.84
N PHE A 162 -1.59 -4.89 -4.24
CA PHE A 162 -1.82 -6.05 -3.40
C PHE A 162 -0.85 -7.19 -3.68
N GLY A 163 0.33 -6.88 -4.19
CA GLY A 163 1.32 -7.91 -4.50
C GLY A 163 1.93 -8.60 -3.30
N LEU A 164 1.82 -8.01 -2.11
CA LEU A 164 2.31 -8.64 -0.88
C LEU A 164 1.17 -8.99 0.07
N ALA A 165 -0.06 -8.68 -0.30
CA ALA A 165 -1.16 -8.81 0.64
C ALA A 165 -1.46 -10.28 0.94
N HIS A 166 -1.90 -10.54 2.16
CA HIS A 166 -2.23 -11.90 2.58
C HIS A 166 -3.47 -11.88 3.46
N LYS A 167 -4.26 -12.95 3.34
CA LYS A 167 -5.30 -13.21 4.32
C LYS A 167 -4.67 -13.69 5.61
N ILE A 168 -5.16 -13.15 6.73
CA ILE A 168 -4.67 -13.55 8.04
C ILE A 168 -5.84 -14.23 8.73
N ASP A 169 -6.03 -15.53 8.51
CA ASP A 169 -7.15 -16.24 9.10
CA ASP A 169 -7.17 -16.20 9.11
C ASP A 169 -6.83 -16.86 10.44
N PHE A 170 -5.56 -16.94 10.81
CA PHE A 170 -5.13 -17.46 12.11
C PHE A 170 -4.56 -16.37 13.01
N GLY A 171 -4.78 -15.10 12.68
CA GLY A 171 -4.19 -14.02 13.43
C GLY A 171 -2.76 -13.69 13.06
N ASN A 172 -2.02 -14.64 12.46
CA ASN A 172 -0.68 -14.34 11.96
C ASN A 172 -0.35 -15.29 10.83
N GLU A 173 0.57 -14.85 9.96
CA GLU A 173 1.14 -15.66 8.90
C GLU A 173 2.65 -15.67 9.06
N PHE A 174 3.27 -16.81 8.77
CA PHE A 174 4.72 -16.98 8.93
C PHE A 174 5.26 -17.42 7.57
N LYS A 175 5.51 -16.44 6.67
CA LYS A 175 5.78 -16.73 5.27
C LYS A 175 6.99 -16.03 4.65
N ASN A 176 7.79 -15.30 5.44
CA ASN A 176 8.90 -14.50 4.90
C ASN A 176 8.38 -13.49 3.87
N ILE A 177 7.43 -12.71 4.30
CA ILE A 177 6.93 -11.56 3.56
C ILE A 177 7.83 -10.40 3.91
N PHE A 178 8.18 -9.57 2.93
CA PHE A 178 9.15 -8.50 3.19
C PHE A 178 9.01 -7.41 2.13
N GLY A 179 8.67 -6.21 2.55
CA GLY A 179 8.48 -5.06 1.66
C GLY A 179 9.67 -4.10 1.65
N THR A 180 9.36 -2.80 1.63
CA THR A 180 10.37 -1.75 1.48
C THR A 180 10.96 -1.41 2.84
N PRO A 181 12.30 -1.42 2.99
CA PRO A 181 12.90 -1.30 4.32
C PRO A 181 12.42 -0.11 5.14
N GLU A 182 12.20 1.05 4.51
CA GLU A 182 11.81 2.24 5.26
C GLU A 182 10.45 2.09 5.92
N PHE A 183 9.61 1.17 5.45
CA PHE A 183 8.23 1.06 5.88
C PHE A 183 7.88 -0.23 6.60
N VAL A 184 8.77 -1.23 6.62
CA VAL A 184 8.43 -2.52 7.22
C VAL A 184 8.53 -2.43 8.73
N ALA A 185 7.66 -3.18 9.40
CA ALA A 185 7.65 -3.26 10.85
C ALA A 185 8.80 -4.12 11.36
N PRO A 186 9.16 -3.98 12.63
CA PRO A 186 10.24 -4.82 13.18
C PRO A 186 10.01 -6.30 13.02
N GLU A 187 8.76 -6.78 13.12
CA GLU A 187 8.51 -8.21 12.97
C GLU A 187 8.82 -8.70 11.56
N ILE A 188 8.70 -7.83 10.56
CA ILE A 188 9.14 -8.17 9.21
C ILE A 188 10.67 -8.26 9.16
N VAL A 189 11.35 -7.25 9.71
CA VAL A 189 12.81 -7.24 9.75
C VAL A 189 13.35 -8.49 10.42
N ASN A 190 12.68 -8.94 11.48
CA ASN A 190 13.15 -10.06 12.27
C ASN A 190 12.59 -11.40 11.79
N TYR A 191 11.82 -11.41 10.71
CA TYR A 191 11.27 -12.64 10.13
C TYR A 191 10.40 -13.40 11.11
N GLU A 192 9.60 -12.67 11.86
CA GLU A 192 8.69 -13.21 12.87
C GLU A 192 7.30 -13.36 12.29
N PRO A 193 6.42 -14.08 12.97
CA PRO A 193 5.02 -14.15 12.52
C PRO A 193 4.43 -12.76 12.37
N LEU A 194 3.64 -12.59 11.31
CA LEU A 194 3.15 -11.29 10.88
C LEU A 194 1.64 -11.29 10.89
N GLY A 195 1.07 -10.14 11.19
CA GLY A 195 -0.37 -10.00 11.08
C GLY A 195 -0.76 -8.61 10.66
N LEU A 196 -2.00 -8.24 10.96
CA LEU A 196 -2.51 -6.91 10.63
C LEU A 196 -1.69 -5.80 11.29
N GLU A 197 -1.02 -6.10 12.40
CA GLU A 197 -0.29 -5.06 13.12
C GLU A 197 0.82 -4.43 12.28
N ALA A 198 1.41 -5.19 11.36
CA ALA A 198 2.49 -4.65 10.54
C ALA A 198 2.03 -3.45 9.74
N ASP A 199 0.79 -3.48 9.22
CA ASP A 199 0.26 -2.33 8.50
C ASP A 199 0.18 -1.09 9.38
N MET A 200 -0.15 -1.27 10.66
CA MET A 200 -0.31 -0.12 11.54
C MET A 200 1.03 0.57 11.77
N TRP A 201 2.11 -0.20 11.87
CA TRP A 201 3.45 0.39 11.90
C TRP A 201 3.70 1.21 10.64
N SER A 202 3.42 0.64 9.47
CA SER A 202 3.64 1.37 8.22
C SER A 202 2.87 2.69 8.21
N ILE A 203 1.63 2.67 8.72
CA ILE A 203 0.85 3.91 8.83
C ILE A 203 1.56 4.93 9.70
N GLY A 204 2.18 4.48 10.80
CA GLY A 204 2.97 5.41 11.61
C GLY A 204 4.10 6.05 10.82
N VAL A 205 4.80 5.26 10.00
CA VAL A 205 5.88 5.79 9.18
C VAL A 205 5.35 6.81 8.18
N ILE A 206 4.26 6.46 7.48
CA ILE A 206 3.62 7.37 6.53
C ILE A 206 3.25 8.68 7.23
N THR A 207 2.66 8.60 8.43
CA THR A 207 2.23 9.81 9.13
C THR A 207 3.42 10.70 9.46
N TYR A 208 4.50 10.10 9.97
CA TYR A 208 5.71 10.86 10.24
C TYR A 208 6.20 11.59 8.98
N ILE A 209 6.21 10.89 7.85
CA ILE A 209 6.63 11.49 6.58
C ILE A 209 5.69 12.62 6.16
N LEU A 210 4.38 12.39 6.25
CA LEU A 210 3.42 13.42 5.86
C LEU A 210 3.65 14.73 6.60
N LEU A 211 3.95 14.64 7.89
CA LEU A 211 4.05 15.82 8.73
C LEU A 211 5.40 16.51 8.64
N SER A 212 6.45 15.83 8.19
CA SER A 212 7.81 16.35 8.27
C SER A 212 8.54 16.38 6.94
N GLY A 213 8.15 15.58 5.97
CA GLY A 213 8.97 15.41 4.78
C GLY A 213 10.20 14.56 4.99
N ALA A 214 10.35 13.94 6.16
CA ALA A 214 11.53 13.15 6.49
C ALA A 214 11.08 11.74 6.86
N SER A 215 11.95 10.78 6.61
CA SER A 215 11.69 9.36 6.86
C SER A 215 12.28 8.97 8.22
N PRO A 216 11.50 8.37 9.13
CA PRO A 216 11.97 8.22 10.52
C PRO A 216 13.14 7.27 10.72
N PHE A 217 13.27 6.21 9.91
CA PHE A 217 14.28 5.17 10.12
C PHE A 217 15.33 5.11 9.03
N LEU A 218 15.23 5.97 8.01
CA LEU A 218 16.08 5.83 6.82
C LEU A 218 17.55 6.03 7.15
N GLY A 219 18.35 5.00 6.88
CA GLY A 219 19.79 5.09 6.98
C GLY A 219 20.42 5.29 5.61
N ASP A 220 21.76 5.19 5.60
CA ASP A 220 22.49 5.37 4.35
C ASP A 220 22.51 4.11 3.49
N THR A 221 22.13 2.97 4.05
CA THR A 221 22.06 1.71 3.32
C THR A 221 20.82 0.96 3.81
N LYS A 222 20.40 -0.03 3.03
CA LYS A 222 19.23 -0.82 3.42
C LYS A 222 19.44 -1.50 4.76
N GLN A 223 20.66 -2.04 5.00
CA GLN A 223 20.89 -2.73 6.26
C GLN A 223 20.81 -1.78 7.45
N GLU A 224 21.26 -0.53 7.29
CA GLU A 224 21.11 0.44 8.37
C GLU A 224 19.65 0.77 8.62
N THR A 225 18.86 0.96 7.57
CA THR A 225 17.44 1.21 7.74
C THR A 225 16.77 0.07 8.50
N LEU A 226 17.08 -1.17 8.11
CA LEU A 226 16.48 -2.32 8.76
C LEU A 226 16.91 -2.42 10.21
N ALA A 227 18.19 -2.15 10.49
CA ALA A 227 18.65 -2.16 11.87
C ALA A 227 17.98 -1.08 12.69
N ASN A 228 17.78 0.10 12.08
CA ASN A 228 17.08 1.18 12.77
C ASN A 228 15.64 0.81 13.07
N VAL A 229 14.97 0.15 12.12
CA VAL A 229 13.60 -0.27 12.37
C VAL A 229 13.53 -1.23 13.55
N SER A 230 14.37 -2.26 13.53
CA SER A 230 14.34 -3.26 14.59
C SER A 230 14.60 -2.66 15.97
N ALA A 231 15.44 -1.64 16.02
CA ALA A 231 15.79 -0.99 17.28
C ALA A 231 14.85 0.14 17.66
N VAL A 232 13.87 0.42 16.80
CA VAL A 232 12.98 1.58 16.96
C VAL A 232 13.80 2.85 17.14
N ASN A 233 14.80 2.98 16.28
CA ASN A 233 15.71 4.12 16.24
C ASN A 233 15.13 5.28 15.44
N TYR A 234 14.18 6.01 16.03
CA TYR A 234 13.67 7.23 15.43
C TYR A 234 13.42 8.24 16.54
N GLU A 235 13.37 9.51 16.14
CA GLU A 235 13.01 10.59 17.06
C GLU A 235 12.34 11.70 16.27
N PHE A 236 11.59 12.55 16.98
CA PHE A 236 10.93 13.70 16.38
C PHE A 236 11.89 14.89 16.39
N GLU A 237 12.53 15.16 15.26
CA GLU A 237 13.48 16.28 15.20
C GLU A 237 12.75 17.60 15.36
N ASP A 238 13.25 18.44 16.27
CA ASP A 238 12.62 19.73 16.50
C ASP A 238 12.56 20.57 15.24
N GLU A 239 13.57 20.50 14.38
CA GLU A 239 13.56 21.31 13.18
C GLU A 239 12.33 21.03 12.32
N TYR A 240 11.86 19.78 12.33
CA TYR A 240 10.70 19.40 11.53
C TYR A 240 9.39 19.45 12.31
N PHE A 241 9.42 19.21 13.62
CA PHE A 241 8.20 18.99 14.39
C PHE A 241 7.92 20.07 15.42
N SER A 242 8.68 21.17 15.42
CA SER A 242 8.53 22.18 16.46
C SER A 242 7.12 22.77 16.49
N ASN A 243 6.47 22.91 15.34
CA ASN A 243 5.12 23.43 15.28
C ASN A 243 4.07 22.35 15.08
N THR A 244 4.43 21.08 15.33
CA THR A 244 3.48 19.97 15.22
C THR A 244 2.91 19.68 16.59
N SER A 245 1.60 19.37 16.63
CA SER A 245 0.93 19.20 17.91
C SER A 245 1.44 17.96 18.63
N ALA A 246 1.38 18.02 19.96
CA ALA A 246 1.78 16.87 20.75
C ALA A 246 0.87 15.68 20.51
N LEU A 247 -0.40 15.93 20.16
CA LEU A 247 -1.32 14.85 19.88
C LEU A 247 -0.95 14.11 18.59
N ALA A 248 -0.47 14.85 17.57
CA ALA A 248 0.00 14.20 16.36
C ALA A 248 1.20 13.30 16.67
N LYS A 249 2.13 13.79 17.50
CA LYS A 249 3.27 12.98 17.90
C LYS A 249 2.81 11.75 18.67
N ASP A 250 1.81 11.92 19.54
CA ASP A 250 1.27 10.80 20.31
C ASP A 250 0.73 9.71 19.38
N PHE A 251 -0.02 10.11 18.35
CA PHE A 251 -0.55 9.15 17.37
C PHE A 251 0.58 8.34 16.74
N ILE A 252 1.63 9.02 16.29
CA ILE A 252 2.78 8.32 15.70
C ILE A 252 3.44 7.42 16.73
N ARG A 253 3.67 7.94 17.94
CA ARG A 253 4.38 7.18 18.95
C ARG A 253 3.66 5.88 19.30
N ARG A 254 2.33 5.87 19.25
CA ARG A 254 1.58 4.68 19.60
C ARG A 254 1.46 3.69 18.46
N LEU A 255 1.92 4.07 17.26
CA LEU A 255 2.02 3.15 16.12
C LEU A 255 3.43 2.60 15.96
N LEU A 256 4.47 3.40 16.23
CA LEU A 256 5.85 2.94 16.09
C LEU A 256 6.33 2.26 17.37
N VAL A 257 5.67 1.14 17.65
CA VAL A 257 5.84 0.36 18.87
C VAL A 257 6.32 -1.02 18.43
N LYS A 258 7.44 -1.49 19.01
CA LYS A 258 8.04 -2.74 18.56
CA LYS A 258 8.04 -2.74 18.55
C LYS A 258 7.13 -3.93 18.81
N ASP A 259 6.58 -4.04 20.01
CA ASP A 259 5.73 -5.18 20.34
C ASP A 259 4.39 -5.05 19.59
N PRO A 260 4.09 -5.93 18.64
CA PRO A 260 2.84 -5.75 17.87
C PRO A 260 1.60 -5.78 18.75
N LYS A 261 1.64 -6.50 19.87
CA LYS A 261 0.48 -6.56 20.74
C LYS A 261 0.19 -5.23 21.44
N LYS A 262 1.19 -4.36 21.58
CA LYS A 262 1.03 -3.07 22.25
C LYS A 262 0.76 -1.93 21.29
N ARG A 263 0.91 -2.18 19.99
CA ARG A 263 0.70 -1.17 18.96
C ARG A 263 -0.78 -0.88 18.79
N MET A 264 -1.12 0.35 18.40
CA MET A 264 -2.52 0.65 18.11
C MET A 264 -3.02 -0.22 16.96
N THR A 265 -4.25 -0.71 17.09
CA THR A 265 -4.92 -1.36 15.99
C THR A 265 -5.58 -0.32 15.11
N ILE A 266 -6.15 -0.78 13.99
CA ILE A 266 -6.85 0.14 13.11
C ILE A 266 -8.02 0.79 13.85
N GLN A 267 -8.75 0.03 14.66
CA GLN A 267 -9.85 0.62 15.42
C GLN A 267 -9.34 1.64 16.43
N ASP A 268 -8.23 1.32 17.12
CA ASP A 268 -7.62 2.30 18.02
C ASP A 268 -7.29 3.58 17.28
N SER A 269 -6.73 3.46 16.07
CA SER A 269 -6.29 4.64 15.34
CA SER A 269 -6.29 4.65 15.35
C SER A 269 -7.46 5.54 14.97
N LEU A 270 -8.62 4.94 14.67
CA LEU A 270 -9.78 5.74 14.32
C LEU A 270 -10.39 6.43 15.54
N GLN A 271 -10.16 5.91 16.75
CA GLN A 271 -10.68 6.51 17.98
C GLN A 271 -9.66 7.43 18.65
N HIS A 272 -8.43 7.45 18.15
CA HIS A 272 -7.41 8.28 18.76
C HIS A 272 -7.82 9.75 18.66
N PRO A 273 -7.58 10.54 19.72
CA PRO A 273 -8.09 11.93 19.71
C PRO A 273 -7.58 12.82 18.58
N TRP A 274 -6.45 12.49 17.96
CA TRP A 274 -6.00 13.29 16.82
C TRP A 274 -6.88 13.05 15.59
N ILE A 275 -7.48 11.87 15.49
CA ILE A 275 -8.28 11.48 14.33
C ILE A 275 -9.77 11.63 14.60
N LYS A 276 -10.23 11.23 15.78
CA LYS A 276 -11.66 11.15 16.04
C LYS A 276 -12.27 12.55 16.04
N PRO A 277 -13.37 12.78 15.30
CA PRO A 277 -14.06 14.08 15.31
C PRO A 277 -14.73 14.36 16.65
C1 STL B . 4.81 3.06 -10.02
C2 STL B . 5.33 1.81 -10.28
C3 STL B . 4.51 0.81 -10.80
C4 STL B . 3.15 1.07 -11.03
C5 STL B . 2.62 2.34 -10.76
C6 STL B . 3.47 3.32 -10.25
C7 STL B . 1.28 2.70 -10.98
C8 STL B . 0.20 1.62 -10.80
C9 STL B . -1.14 1.98 -10.95
C10 STL B . -1.55 3.29 -11.23
C11 STL B . -2.90 3.60 -11.35
C12 STL B . -3.87 2.59 -11.22
C13 STL B . -3.48 1.29 -10.95
C14 STL B . -2.13 1.01 -10.81
O1 STL B . -5.18 2.91 -11.35
O2 STL B . 5.04 -0.42 -11.05
O3 STL B . 5.60 4.05 -9.51
O1 MES C . 5.51 1.79 -6.50
C2 MES C . 4.16 2.25 -6.58
C3 MES C . 3.24 1.31 -7.38
N4 MES C . 3.42 -0.08 -6.96
C5 MES C . 4.79 -0.52 -6.75
C6 MES C . 5.59 0.48 -5.93
C7 MES C . 2.67 -1.09 -7.71
C8 MES C . 1.22 -0.69 -7.97
S MES C . 0.35 -1.91 -8.75
O1S MES C . -1.01 -1.41 -8.97
O2S MES C . 1.00 -2.16 -10.06
O3S MES C . 0.35 -3.12 -7.91
S SO4 D . -1.98 -18.21 1.52
O1 SO4 D . -0.53 -18.10 1.72
O2 SO4 D . -2.56 -16.89 1.42
O3 SO4 D . -2.25 -18.96 0.28
O4 SO4 D . -2.58 -18.94 2.64
S SO4 E . 7.96 -3.18 -7.13
O1 SO4 E . 9.16 -2.39 -6.92
O2 SO4 E . 7.05 -2.47 -8.05
O3 SO4 E . 8.33 -4.46 -7.74
O4 SO4 E . 7.28 -3.42 -5.87
S SO4 F . 9.47 14.05 21.96
O1 SO4 F . 10.04 14.56 23.19
O2 SO4 F . 10.10 14.69 20.80
O3 SO4 F . 9.68 12.60 21.88
O4 SO4 F . 8.04 14.33 21.92
#